data_4PY4
#
_entry.id   4PY4
#
_cell.length_a   44.580
_cell.length_b   66.910
_cell.length_c   144.680
_cell.angle_alpha   90.00
_cell.angle_beta   90.00
_cell.angle_gamma   90.00
#
_symmetry.space_group_name_H-M   'P 21 21 21'
#
loop_
_entity.id
_entity.type
_entity.pdbx_description
1 polymer 'Poly [ADP-ribose] polymerase 14'
2 non-polymer 2-({4-[(1R)-1-(dimethylamino)ethyl]phenyl}amino)-6-fluoro-1,3-benzothiazole-4-carboxamide
3 water water
#
_entity_poly.entity_id   1
_entity_poly.type   'polypeptide(L)'
_entity_poly.pdbx_seq_one_letter_code
;KQQNFCVVELLPSDPEYNTVASKFNQTCSHFRIEKIERIQNPDLWNSYQAKKKTMDAKNGQTMNEKQLFHGTDAGSVPHV
NRNGFNRSYAGKNAVAYGKGTYFAVNANYSANDTYSRPDANGRKHVYYVRVLTGIYTHGNHSLIVPPSKNPQNPTDLYDT
VTDNVHHPSLFVAFYDYQAYPEYLITFRK
;
_entity_poly.pdbx_strand_id   A,B
#
loop_
_chem_comp.id
_chem_comp.type
_chem_comp.name
_chem_comp.formula
XL2 non-polymer 2-({4-[(1R)-1-(dimethylamino)ethyl]phenyl}amino)-6-fluoro-1,3-benzothiazole-4-carboxamide 'C18 H19 F N4 O S'
#
# COMPACT_ATOMS: atom_id res chain seq x y z
N LYS A 1 -15.82 0.14 13.06
CA LYS A 1 -14.37 0.25 13.02
C LYS A 1 -13.84 -0.18 11.66
N GLN A 2 -13.52 0.79 10.80
CA GLN A 2 -13.05 0.47 9.46
C GLN A 2 -11.53 0.54 9.34
N GLN A 3 -10.87 0.72 10.49
CA GLN A 3 -9.44 0.44 10.64
C GLN A 3 -8.54 1.09 9.58
N ASN A 4 -8.79 2.36 9.27
CA ASN A 4 -7.85 3.18 8.52
C ASN A 4 -6.46 3.12 9.13
N PHE A 5 -5.45 3.56 8.39
CA PHE A 5 -4.09 3.45 8.90
C PHE A 5 -3.24 4.59 8.32
N CYS A 6 -2.04 4.75 8.88
CA CYS A 6 -1.09 5.73 8.38
C CYS A 6 0.24 5.05 8.30
N VAL A 7 1.14 5.54 7.45
CA VAL A 7 2.45 4.91 7.33
C VAL A 7 3.57 5.93 7.53
N VAL A 8 4.18 5.92 8.71
CA VAL A 8 5.29 6.82 9.03
C VAL A 8 6.65 6.15 8.84
N GLU A 9 7.59 6.82 8.16
CA GLU A 9 8.92 6.24 7.98
C GLU A 9 9.77 6.40 9.24
N LEU A 10 10.31 5.28 9.72
CA LEU A 10 11.24 5.31 10.84
C LEU A 10 12.55 5.87 10.34
N LEU A 11 13.10 6.88 11.01
CA LEU A 11 14.40 7.41 10.61
C LEU A 11 15.49 6.85 11.52
N PRO A 12 16.70 6.66 10.97
CA PRO A 12 17.89 6.16 11.67
C PRO A 12 18.12 6.86 13.01
N SER A 13 17.67 8.10 13.12
CA SER A 13 17.83 8.84 14.37
C SER A 13 16.75 8.52 15.40
N ASP A 14 15.93 7.51 15.12
CA ASP A 14 14.87 7.09 16.05
C ASP A 14 15.38 5.89 16.86
N PRO A 15 15.21 5.94 18.19
CA PRO A 15 15.68 4.85 19.07
C PRO A 15 15.07 3.50 18.69
N GLU A 16 13.84 3.51 18.19
CA GLU A 16 13.17 2.30 17.75
C GLU A 16 13.89 1.67 16.56
N TYR A 17 14.58 2.49 15.78
CA TYR A 17 15.21 2.02 14.53
C TYR A 17 16.37 1.04 14.76
N ASN A 18 17.32 1.39 15.64
CA ASN A 18 18.44 0.50 15.96
C ASN A 18 17.90 -0.89 16.29
N THR A 19 16.89 -0.92 17.16
CA THR A 19 16.31 -2.16 17.69
C THR A 19 15.72 -3.09 16.62
N VAL A 20 14.99 -2.50 15.68
CA VAL A 20 14.43 -3.26 14.59
C VAL A 20 15.55 -3.65 13.64
N ALA A 21 16.45 -2.71 13.37
CA ALA A 21 17.55 -3.01 12.47
C ALA A 21 18.45 -4.12 13.04
N SER A 22 18.72 -4.08 14.34
CA SER A 22 19.54 -5.09 15.02
C SER A 22 18.92 -6.46 14.90
N LYS A 23 17.63 -6.53 15.21
CA LYS A 23 16.93 -7.80 15.30
C LYS A 23 16.87 -8.42 13.91
N PHE A 24 16.51 -7.59 12.94
CA PHE A 24 16.54 -7.96 11.54
C PHE A 24 17.94 -8.43 11.15
N ASN A 25 18.98 -7.67 11.53
CA ASN A 25 20.33 -7.96 11.04
C ASN A 25 21.01 -9.11 11.73
N GLN A 26 20.32 -9.76 12.66
CA GLN A 26 20.91 -10.89 13.34
C GLN A 26 21.08 -12.00 12.32
N THR A 27 20.07 -12.18 11.48
CA THR A 27 20.07 -13.25 10.48
C THR A 27 20.18 -12.72 9.06
N CYS A 28 19.87 -11.44 8.88
CA CYS A 28 19.79 -10.85 7.55
C CYS A 28 20.71 -9.65 7.37
N SER A 29 21.96 -9.76 7.82
CA SER A 29 22.93 -8.67 7.67
C SER A 29 23.43 -8.57 6.22
N HIS A 30 23.23 -9.64 5.44
CA HIS A 30 23.60 -9.66 4.02
C HIS A 30 22.53 -9.09 3.08
N PHE A 31 21.43 -8.59 3.63
CA PHE A 31 20.52 -7.81 2.80
C PHE A 31 20.80 -6.37 3.18
N ARG A 32 20.36 -5.44 2.35
CA ARG A 32 20.47 -4.03 2.69
C ARG A 32 19.07 -3.46 2.91
N ILE A 33 18.87 -2.89 4.10
CA ILE A 33 17.61 -2.23 4.43
C ILE A 33 17.47 -0.93 3.64
N GLU A 34 16.41 -0.84 2.82
CA GLU A 34 16.08 0.39 2.09
C GLU A 34 15.40 1.35 3.08
N LYS A 35 14.42 0.82 3.82
CA LYS A 35 13.67 1.61 4.80
C LYS A 35 12.85 0.77 5.77
N ILE A 36 12.37 1.43 6.81
CA ILE A 36 11.55 0.81 7.86
C ILE A 36 10.38 1.76 8.11
N GLU A 37 9.16 1.23 8.14
CA GLU A 37 8.01 2.09 8.34
C GLU A 37 7.26 1.63 9.56
N ARG A 38 6.72 2.57 10.34
CA ARG A 38 5.78 2.20 11.37
C ARG A 38 4.36 2.25 10.83
N ILE A 39 3.62 1.14 10.96
CA ILE A 39 2.21 1.11 10.56
C ILE A 39 1.30 1.54 11.72
N GLN A 40 0.58 2.64 11.55
CA GLN A 40 -0.30 3.12 12.63
C GLN A 40 -1.78 2.92 12.34
N ASN A 41 -2.39 1.95 13.02
CA ASN A 41 -3.79 1.62 12.80
C ASN A 41 -4.54 1.49 14.13
N PRO A 42 -5.12 2.62 14.60
CA PRO A 42 -5.81 2.81 15.90
C PRO A 42 -6.84 1.71 16.22
N ASP A 43 -7.80 1.47 15.33
CA ASP A 43 -8.81 0.44 15.56
C ASP A 43 -8.21 -0.96 15.67
N LEU A 44 -7.22 -1.23 14.82
CA LEU A 44 -6.51 -2.49 14.82
C LEU A 44 -5.66 -2.65 16.10
N TRP A 45 -4.98 -1.57 16.48
CA TRP A 45 -4.15 -1.54 17.68
C TRP A 45 -4.99 -1.77 18.92
N ASN A 46 -6.06 -1.00 19.09
CA ASN A 46 -6.99 -1.18 20.21
C ASN A 46 -7.54 -2.58 20.29
N SER A 47 -7.96 -3.10 19.15
CA SER A 47 -8.45 -4.46 19.08
C SER A 47 -7.39 -5.49 19.50
N TYR A 48 -6.16 -5.30 19.03
CA TYR A 48 -5.04 -6.14 19.45
C TYR A 48 -4.85 -6.08 20.97
N GLN A 49 -4.84 -4.85 21.50
CA GLN A 49 -4.58 -4.62 22.91
C GLN A 49 -5.71 -5.16 23.81
N ALA A 50 -6.92 -5.20 23.28
CA ALA A 50 -8.05 -5.76 24.02
C ALA A 50 -7.85 -7.28 24.18
N LYS A 51 -7.41 -7.93 23.10
CA LYS A 51 -7.13 -9.35 23.13
C LYS A 51 -6.01 -9.65 24.13
N LYS A 52 -5.09 -8.68 24.28
CA LYS A 52 -3.92 -8.85 25.14
C LYS A 52 -4.27 -8.67 26.61
N LYS A 53 -5.08 -7.65 26.90
CA LYS A 53 -5.54 -7.38 28.27
C LYS A 53 -6.18 -8.66 28.82
N THR A 54 -7.12 -9.18 28.04
CA THR A 54 -7.74 -10.47 28.30
C THR A 54 -6.70 -11.57 28.50
N MET A 55 -5.80 -11.72 27.54
CA MET A 55 -4.87 -12.84 27.52
C MET A 55 -3.90 -12.74 28.70
N ASP A 56 -3.48 -11.52 29.03
CA ASP A 56 -2.62 -11.35 30.20
C ASP A 56 -3.31 -11.78 31.50
N ALA A 57 -4.59 -11.47 31.62
CA ALA A 57 -5.37 -11.75 32.82
C ALA A 57 -5.73 -13.23 32.96
N LYS A 58 -5.58 -13.99 31.88
CA LYS A 58 -5.97 -15.39 31.86
C LYS A 58 -4.77 -16.34 31.98
N ASN A 59 -3.63 -15.98 31.38
CA ASN A 59 -2.46 -16.86 31.37
C ASN A 59 -1.44 -16.60 32.48
N GLY A 60 -1.87 -15.90 33.53
CA GLY A 60 -1.07 -15.73 34.74
C GLY A 60 0.28 -15.05 34.57
N GLN A 61 1.35 -15.83 34.71
CA GLN A 61 2.72 -15.30 34.67
C GLN A 61 3.34 -15.38 33.27
N THR A 62 2.68 -16.07 32.34
CA THR A 62 3.14 -16.18 30.96
C THR A 62 3.27 -14.82 30.26
N MET A 63 4.44 -14.60 29.65
CA MET A 63 4.63 -13.45 28.76
C MET A 63 3.99 -13.75 27.39
N ASN A 64 2.79 -13.23 27.15
CA ASN A 64 2.02 -13.66 25.99
C ASN A 64 2.55 -13.17 24.63
N GLU A 65 3.38 -12.13 24.64
CA GLU A 65 3.69 -11.45 23.40
C GLU A 65 5.12 -11.73 22.96
N LYS A 66 5.32 -11.82 21.66
CA LYS A 66 6.67 -11.88 21.11
C LYS A 66 6.67 -11.02 19.87
N GLN A 67 7.85 -10.55 19.49
CA GLN A 67 7.99 -9.89 18.21
C GLN A 67 8.63 -10.87 17.20
N LEU A 68 7.91 -11.14 16.11
CA LEU A 68 8.32 -12.11 15.11
C LEU A 68 8.22 -11.49 13.72
N PHE A 69 8.80 -12.19 12.74
CA PHE A 69 8.82 -11.71 11.35
C PHE A 69 7.80 -12.40 10.45
N HIS A 70 7.26 -11.65 9.49
CA HIS A 70 6.39 -12.23 8.46
C HIS A 70 6.66 -11.55 7.11
N GLY A 71 7.20 -12.32 6.16
CA GLY A 71 7.43 -11.84 4.81
C GLY A 71 6.20 -11.95 3.92
N THR A 72 6.03 -10.99 3.02
CA THR A 72 4.91 -11.04 2.08
C THR A 72 5.16 -10.27 0.79
N ASP A 73 4.42 -10.62 -0.25
CA ASP A 73 4.54 -9.92 -1.53
C ASP A 73 4.05 -8.48 -1.42
N ALA A 74 4.51 -7.62 -2.32
CA ALA A 74 4.26 -6.18 -2.21
C ALA A 74 2.78 -5.83 -2.26
N GLY A 75 2.00 -6.64 -2.99
CA GLY A 75 0.57 -6.41 -3.14
C GLY A 75 -0.28 -6.72 -1.91
N SER A 76 0.24 -7.54 -1.00
CA SER A 76 -0.47 -7.78 0.25
C SER A 76 -0.28 -6.65 1.28
N VAL A 77 0.67 -5.74 1.03
CA VAL A 77 0.99 -4.70 2.03
C VAL A 77 -0.18 -3.78 2.43
N PRO A 78 -0.90 -3.19 1.45
CA PRO A 78 -2.08 -2.41 1.89
C PRO A 78 -3.08 -3.25 2.70
N HIS A 79 -3.24 -4.51 2.34
CA HIS A 79 -4.22 -5.37 3.01
C HIS A 79 -3.82 -5.66 4.46
N VAL A 80 -2.51 -5.87 4.68
CA VAL A 80 -1.98 -6.12 6.01
C VAL A 80 -2.02 -4.84 6.83
N ASN A 81 -1.63 -3.72 6.22
CA ASN A 81 -1.74 -2.42 6.89
C ASN A 81 -3.16 -2.11 7.39
N ARG A 82 -4.18 -2.57 6.69
CA ARG A 82 -5.54 -2.22 7.10
C ARG A 82 -6.22 -3.27 7.97
N ASN A 83 -6.01 -4.54 7.63
CA ASN A 83 -6.75 -5.65 8.21
C ASN A 83 -5.90 -6.59 9.08
N GLY A 84 -4.61 -6.28 9.21
CA GLY A 84 -3.72 -7.15 9.96
C GLY A 84 -3.53 -8.52 9.31
N PHE A 85 -3.64 -9.60 10.09
CA PHE A 85 -3.54 -10.95 9.55
C PHE A 85 -4.81 -11.72 9.85
N ASN A 86 -5.90 -10.98 9.90
CA ASN A 86 -7.22 -11.52 10.13
C ASN A 86 -7.77 -12.28 8.93
N ARG A 87 -8.37 -13.44 9.21
CA ARG A 87 -9.07 -14.26 8.21
C ARG A 87 -8.14 -14.82 7.13
N GLY A 98 -8.61 -23.34 12.86
CA GLY A 98 -7.79 -24.18 12.00
C GLY A 98 -7.08 -23.45 10.86
N LYS A 99 -7.37 -22.16 10.64
CA LYS A 99 -6.78 -21.42 9.48
C LYS A 99 -5.68 -20.43 9.87
N GLY A 100 -4.43 -20.86 9.72
CA GLY A 100 -3.33 -20.15 10.34
C GLY A 100 -2.44 -19.24 9.51
N THR A 101 -1.90 -18.22 10.19
CA THR A 101 -0.86 -17.37 9.61
C THR A 101 0.48 -17.66 10.27
N TYR A 102 1.52 -17.82 9.45
CA TYR A 102 2.85 -18.17 9.95
C TYR A 102 3.73 -16.96 10.33
N PHE A 103 4.48 -17.09 11.42
CA PHE A 103 5.43 -16.07 11.84
C PHE A 103 6.78 -16.69 12.18
N ALA A 104 7.85 -16.05 11.71
CA ALA A 104 9.18 -16.59 11.95
C ALA A 104 9.83 -15.93 13.18
N VAL A 105 10.56 -16.72 13.95
CA VAL A 105 11.41 -16.18 15.01
C VAL A 105 12.58 -15.36 14.41
N ASN A 106 13.21 -15.90 13.36
CA ASN A 106 14.36 -15.26 12.71
C ASN A 106 14.00 -14.66 11.36
N ALA A 107 14.55 -13.49 11.06
CA ALA A 107 14.22 -12.80 9.80
C ALA A 107 14.63 -13.55 8.54
N ASN A 108 15.73 -14.30 8.58
CA ASN A 108 16.19 -14.99 7.35
C ASN A 108 15.13 -15.90 6.73
N TYR A 109 14.39 -16.60 7.58
CA TYR A 109 13.31 -17.48 7.19
C TYR A 109 12.24 -16.68 6.42
N SER A 110 11.74 -15.61 7.02
CA SER A 110 10.78 -14.73 6.37
C SER A 110 11.39 -14.07 5.14
N ALA A 111 12.71 -13.96 5.12
CA ALA A 111 13.40 -13.27 4.04
C ALA A 111 13.50 -14.09 2.76
N ASN A 112 13.04 -15.33 2.83
CA ASN A 112 13.03 -16.23 1.68
C ASN A 112 12.15 -15.69 0.54
N ASP A 113 12.55 -15.96 -0.71
CA ASP A 113 11.80 -15.45 -1.89
C ASP A 113 10.35 -15.99 -1.97
N THR A 114 10.12 -17.17 -1.43
CA THR A 114 8.81 -17.82 -1.43
C THR A 114 7.75 -17.00 -0.64
N TYR A 115 8.22 -16.26 0.38
CA TYR A 115 7.35 -15.50 1.27
C TYR A 115 7.44 -14.01 0.98
N SER A 116 8.65 -13.45 1.02
CA SER A 116 8.84 -12.06 0.63
C SER A 116 9.26 -11.94 -0.84
N ARG A 117 8.30 -12.23 -1.74
CA ARG A 117 8.47 -12.12 -3.19
C ARG A 117 9.05 -10.76 -3.55
N PRO A 118 10.23 -10.76 -4.19
CA PRO A 118 10.84 -9.48 -4.59
C PRO A 118 10.02 -8.81 -5.68
N ASP A 119 9.73 -7.51 -5.56
CA ASP A 119 8.90 -6.84 -6.55
C ASP A 119 9.64 -6.38 -7.82
N ALA A 120 8.96 -5.59 -8.65
CA ALA A 120 9.49 -5.10 -9.92
C ALA A 120 10.80 -4.31 -9.73
N ASN A 121 10.87 -3.50 -8.69
CA ASN A 121 12.12 -2.82 -8.38
C ASN A 121 13.11 -3.64 -7.53
N GLY A 122 12.84 -4.94 -7.40
CA GLY A 122 13.70 -5.82 -6.62
C GLY A 122 13.47 -5.81 -5.11
N ARG A 123 12.51 -5.01 -4.65
CA ARG A 123 12.29 -4.80 -3.22
C ARG A 123 11.55 -5.97 -2.52
N LYS A 124 11.91 -6.24 -1.26
CA LYS A 124 11.28 -7.31 -0.50
C LYS A 124 10.66 -6.73 0.78
N HIS A 125 9.56 -7.34 1.23
CA HIS A 125 8.83 -6.82 2.36
C HIS A 125 8.61 -7.86 3.48
N VAL A 126 9.16 -7.55 4.66
CA VAL A 126 9.02 -8.37 5.84
C VAL A 126 8.54 -7.47 6.97
N TYR A 127 7.46 -7.86 7.64
CA TYR A 127 7.01 -7.13 8.81
C TYR A 127 7.72 -7.60 10.09
N TYR A 128 7.94 -6.68 11.02
CA TYR A 128 8.34 -7.04 12.38
C TYR A 128 7.05 -6.95 13.22
N VAL A 129 6.53 -8.10 13.63
CA VAL A 129 5.13 -8.22 14.06
C VAL A 129 4.99 -8.55 15.55
N ARG A 130 4.08 -7.86 16.25
CA ARG A 130 3.75 -8.22 17.63
C ARG A 130 2.69 -9.31 17.63
N VAL A 131 3.08 -10.51 18.03
CA VAL A 131 2.17 -11.64 18.06
C VAL A 131 1.90 -12.11 19.49
N LEU A 132 0.65 -12.47 19.75
CA LEU A 132 0.23 -13.03 21.03
C LEU A 132 0.30 -14.56 20.99
N THR A 133 1.53 -15.05 21.11
CA THR A 133 1.84 -16.46 21.13
C THR A 133 1.22 -17.20 22.33
N GLY A 134 1.11 -16.50 23.47
CA GLY A 134 0.48 -17.05 24.66
C GLY A 134 0.94 -18.44 25.04
N ILE A 135 -0.01 -19.31 25.38
CA ILE A 135 0.33 -20.70 25.66
C ILE A 135 0.29 -21.54 24.39
N TYR A 136 1.47 -22.02 23.99
CA TYR A 136 1.62 -22.81 22.77
C TYR A 136 2.15 -24.24 22.99
N THR A 137 1.85 -25.14 22.04
CA THR A 137 2.41 -26.52 21.99
C THR A 137 2.76 -26.85 20.53
N HIS A 138 3.34 -28.03 20.30
CA HIS A 138 3.55 -28.50 18.93
C HIS A 138 2.21 -28.90 18.30
N LYS A 149 -6.26 -28.37 24.68
CA LYS A 149 -5.40 -28.44 25.87
C LYS A 149 -5.89 -29.51 26.84
N ASN A 150 -7.17 -29.41 27.21
CA ASN A 150 -7.77 -30.26 28.23
C ASN A 150 -8.94 -31.10 27.70
N PRO A 151 -8.76 -32.43 27.68
CA PRO A 151 -9.85 -33.35 27.31
C PRO A 151 -11.14 -33.08 28.08
N GLN A 152 -11.04 -32.83 29.39
CA GLN A 152 -12.21 -32.47 30.19
C GLN A 152 -12.86 -31.13 29.78
N ASN A 153 -12.06 -30.23 29.20
CA ASN A 153 -12.53 -28.90 28.79
C ASN A 153 -12.14 -28.61 27.34
N PRO A 154 -12.88 -29.19 26.39
CA PRO A 154 -12.46 -29.20 24.97
C PRO A 154 -12.62 -27.87 24.21
N THR A 155 -13.39 -26.93 24.74
CA THR A 155 -13.49 -25.59 24.13
C THR A 155 -12.32 -24.71 24.53
N ASP A 156 -11.35 -25.26 25.26
CA ASP A 156 -10.17 -24.52 25.69
C ASP A 156 -8.97 -24.83 24.79
N LEU A 157 -8.62 -23.88 23.92
CA LEU A 157 -7.58 -24.11 22.92
C LEU A 157 -6.26 -23.40 23.22
N TYR A 158 -5.19 -23.87 22.57
CA TYR A 158 -3.89 -23.21 22.62
C TYR A 158 -3.96 -21.90 21.86
N ASP A 159 -3.19 -20.91 22.29
CA ASP A 159 -3.20 -19.62 21.63
C ASP A 159 -2.53 -19.74 20.26
N THR A 160 -1.36 -20.37 20.22
CA THR A 160 -0.67 -20.65 18.96
C THR A 160 -0.11 -22.05 18.96
N VAL A 161 0.43 -22.47 17.83
CA VAL A 161 1.23 -23.69 17.77
C VAL A 161 2.61 -23.31 17.25
N THR A 162 3.62 -24.12 17.58
CA THR A 162 4.97 -23.94 17.06
C THR A 162 5.51 -25.24 16.50
N ASP A 163 6.67 -25.16 15.84
CA ASP A 163 7.35 -26.35 15.33
C ASP A 163 8.09 -27.08 16.46
N ASN A 164 8.56 -26.33 17.45
CA ASN A 164 9.34 -26.91 18.54
C ASN A 164 9.13 -26.09 19.81
N VAL A 165 8.63 -26.74 20.86
CA VAL A 165 8.24 -26.02 22.08
C VAL A 165 9.42 -25.47 22.89
N HIS A 166 10.50 -26.23 22.99
CA HIS A 166 11.66 -25.79 23.77
C HIS A 166 12.64 -24.92 22.98
N HIS A 167 12.64 -25.07 21.65
CA HIS A 167 13.47 -24.22 20.76
C HIS A 167 12.76 -23.84 19.44
N PRO A 168 11.78 -22.93 19.52
CA PRO A 168 10.92 -22.58 18.38
C PRO A 168 11.65 -21.83 17.28
N SER A 169 11.24 -22.06 16.03
CA SER A 169 11.71 -21.25 14.91
C SER A 169 10.52 -20.58 14.24
N LEU A 170 9.31 -21.05 14.58
CA LEU A 170 8.08 -20.47 14.03
C LEU A 170 6.84 -20.61 14.91
N PHE A 171 5.85 -19.77 14.65
CA PHE A 171 4.59 -19.77 15.38
C PHE A 171 3.40 -19.65 14.43
N VAL A 172 2.27 -20.25 14.79
CA VAL A 172 1.08 -20.14 13.93
C VAL A 172 -0.12 -19.63 14.69
N ALA A 173 -0.65 -18.48 14.26
CA ALA A 173 -1.80 -17.90 14.93
C ALA A 173 -3.06 -18.15 14.09
N PHE A 174 -4.20 -18.17 14.78
CA PHE A 174 -5.45 -18.62 14.18
C PHE A 174 -6.59 -17.62 14.33
N TYR A 175 -6.62 -16.93 15.46
CA TYR A 175 -7.75 -16.09 15.83
C TYR A 175 -7.54 -14.63 15.41
N ASP A 176 -8.59 -13.84 15.55
CA ASP A 176 -8.54 -12.45 15.10
C ASP A 176 -7.84 -11.55 16.09
N TYR A 177 -7.12 -10.57 15.55
CA TYR A 177 -6.47 -9.54 16.35
C TYR A 177 -5.36 -10.11 17.26
N GLN A 178 -4.79 -11.23 16.82
CA GLN A 178 -3.74 -11.92 17.56
C GLN A 178 -2.34 -11.38 17.23
N ALA A 179 -2.26 -10.56 16.18
CA ALA A 179 -0.98 -10.01 15.73
C ALA A 179 -1.13 -8.59 15.22
N TYR A 180 -0.23 -7.68 15.61
CA TYR A 180 -0.21 -6.31 15.05
C TYR A 180 1.06 -6.09 14.23
N PRO A 181 0.90 -5.64 12.96
CA PRO A 181 2.01 -5.45 12.00
C PRO A 181 2.72 -4.14 12.24
N GLU A 182 3.40 -4.05 13.38
CA GLU A 182 3.94 -2.78 13.86
C GLU A 182 4.95 -2.16 12.90
N TYR A 183 5.89 -2.95 12.40
CA TYR A 183 6.92 -2.40 11.52
C TYR A 183 6.96 -3.14 10.19
N LEU A 184 7.28 -2.40 9.12
CA LEU A 184 7.48 -2.97 7.80
C LEU A 184 8.88 -2.62 7.34
N ILE A 185 9.72 -3.64 7.19
CA ILE A 185 11.09 -3.45 6.72
C ILE A 185 11.09 -3.69 5.21
N THR A 186 11.52 -2.69 4.43
CA THR A 186 11.68 -2.88 2.99
C THR A 186 13.17 -3.06 2.71
N PHE A 187 13.52 -4.05 1.89
CA PHE A 187 14.94 -4.35 1.68
C PHE A 187 15.18 -5.04 0.37
N ARG A 188 16.45 -5.27 0.07
CA ARG A 188 16.85 -5.93 -1.18
C ARG A 188 18.20 -6.65 -1.04
N LYS A 189 18.55 -7.44 -2.06
CA LYS A 189 19.75 -8.29 -2.04
C LYS A 189 21.04 -7.48 -2.09
N GLN B 3 7.46 12.11 3.22
CA GLN B 3 6.21 12.06 2.46
C GLN B 3 5.30 10.89 2.94
N ASN B 4 5.22 10.71 4.26
CA ASN B 4 4.25 9.81 4.87
C ASN B 4 2.81 10.02 4.38
N PHE B 5 1.96 9.03 4.62
CA PHE B 5 0.59 9.10 4.12
C PHE B 5 -0.40 8.38 5.00
N CYS B 6 -1.68 8.72 4.84
CA CYS B 6 -2.77 7.95 5.45
C CYS B 6 -3.72 7.50 4.36
N VAL B 7 -4.45 6.43 4.62
CA VAL B 7 -5.43 5.91 3.68
C VAL B 7 -6.80 5.80 4.35
N VAL B 8 -7.70 6.72 4.04
CA VAL B 8 -9.02 6.71 4.65
C VAL B 8 -10.02 6.06 3.69
N GLU B 9 -10.67 5.01 4.16
CA GLU B 9 -11.73 4.39 3.37
C GLU B 9 -12.98 5.26 3.44
N LEU B 10 -13.64 5.44 2.31
CA LEU B 10 -14.87 6.23 2.24
C LEU B 10 -16.07 5.32 2.52
N LEU B 11 -17.15 5.89 3.04
CA LEU B 11 -18.40 5.15 3.22
C LEU B 11 -19.25 5.41 1.99
N PRO B 12 -20.06 4.42 1.56
CA PRO B 12 -20.92 4.64 0.38
C PRO B 12 -21.87 5.83 0.62
N SER B 13 -22.22 6.01 1.89
CA SER B 13 -22.99 7.17 2.35
C SER B 13 -22.35 8.52 2.01
N ASP B 14 -21.03 8.54 1.87
CA ASP B 14 -20.25 9.76 1.64
C ASP B 14 -20.49 10.34 0.22
N PRO B 15 -20.84 11.64 0.13
CA PRO B 15 -20.95 12.39 -1.13
C PRO B 15 -19.75 12.22 -2.04
N GLU B 16 -18.55 12.25 -1.46
CA GLU B 16 -17.32 11.98 -2.19
C GLU B 16 -17.39 10.63 -2.93
N TYR B 17 -17.70 9.58 -2.18
CA TYR B 17 -17.79 8.21 -2.69
C TYR B 17 -18.61 8.13 -3.95
N ASN B 18 -19.76 8.79 -3.92
CA ASN B 18 -20.67 8.79 -5.06
C ASN B 18 -20.14 9.61 -6.25
N THR B 19 -19.46 10.72 -5.97
CA THR B 19 -18.85 11.52 -7.05
C THR B 19 -17.79 10.71 -7.83
N VAL B 20 -16.96 9.97 -7.10
CA VAL B 20 -15.94 9.11 -7.69
C VAL B 20 -16.57 7.87 -8.36
N ALA B 21 -17.57 7.28 -7.71
CA ALA B 21 -18.26 6.10 -8.24
C ALA B 21 -19.00 6.44 -9.53
N SER B 22 -19.60 7.63 -9.58
CA SER B 22 -20.35 8.08 -10.75
C SER B 22 -19.43 8.14 -11.95
N LYS B 23 -18.26 8.73 -11.75
CA LYS B 23 -17.30 8.93 -12.82
C LYS B 23 -16.75 7.59 -13.34
N PHE B 24 -16.44 6.69 -12.41
CA PHE B 24 -15.95 5.36 -12.74
C PHE B 24 -17.02 4.57 -13.47
N ASN B 25 -18.26 4.67 -13.01
CA ASN B 25 -19.35 3.89 -13.59
C ASN B 25 -19.79 4.33 -15.01
N GLN B 26 -19.39 5.54 -15.42
CA GLN B 26 -19.67 6.04 -16.79
C GLN B 26 -19.17 5.10 -17.90
N THR B 27 -18.10 4.35 -17.62
CA THR B 27 -17.51 3.43 -18.59
C THR B 27 -17.27 2.05 -17.97
N CYS B 28 -17.42 1.96 -16.65
CA CYS B 28 -17.11 0.74 -15.89
C CYS B 28 -18.20 0.21 -14.93
N SER B 29 -19.46 0.52 -15.22
CA SER B 29 -20.59 0.07 -14.39
C SER B 29 -20.73 -1.46 -14.30
N HIS B 30 -20.17 -2.17 -15.27
CA HIS B 30 -20.22 -3.63 -15.27
C HIS B 30 -19.23 -4.30 -14.32
N PHE B 31 -18.52 -3.52 -13.50
CA PHE B 31 -17.62 -4.09 -12.49
C PHE B 31 -18.20 -3.88 -11.10
N ARG B 32 -17.74 -4.68 -10.14
CA ARG B 32 -18.18 -4.55 -8.76
C ARG B 32 -17.13 -3.80 -7.93
N ILE B 33 -17.48 -2.58 -7.49
CA ILE B 33 -16.59 -1.81 -6.61
C ILE B 33 -16.64 -2.33 -5.15
N GLU B 34 -15.49 -2.69 -4.60
CA GLU B 34 -15.38 -3.20 -3.23
C GLU B 34 -15.12 -2.10 -2.20
N LYS B 35 -14.25 -1.16 -2.57
CA LYS B 35 -14.02 0.05 -1.77
C LYS B 35 -13.45 1.20 -2.61
N ILE B 36 -13.62 2.41 -2.10
CA ILE B 36 -12.95 3.60 -2.61
C ILE B 36 -12.24 4.22 -1.43
N GLU B 37 -10.91 4.27 -1.47
CA GLU B 37 -10.17 4.91 -0.38
C GLU B 37 -9.63 6.25 -0.85
N ARG B 38 -9.49 7.18 0.09
CA ARG B 38 -8.81 8.45 -0.18
C ARG B 38 -7.38 8.43 0.38
N ILE B 39 -6.44 8.87 -0.44
CA ILE B 39 -5.04 8.89 -0.05
C ILE B 39 -4.63 10.28 0.44
N GLN B 40 -4.12 10.37 1.67
CA GLN B 40 -3.71 11.64 2.26
C GLN B 40 -2.23 11.67 2.49
N ASN B 41 -1.51 12.32 1.59
CA ASN B 41 -0.06 12.40 1.66
C ASN B 41 0.29 13.88 1.58
N PRO B 42 0.38 14.54 2.75
CA PRO B 42 0.45 16.01 2.89
C PRO B 42 1.57 16.65 2.06
N ASP B 43 2.77 16.07 2.11
CA ASP B 43 3.92 16.62 1.40
C ASP B 43 3.70 16.59 -0.11
N LEU B 44 3.30 15.42 -0.61
CA LEU B 44 2.99 15.24 -2.03
C LEU B 44 1.88 16.19 -2.47
N TRP B 45 0.85 16.33 -1.64
CA TRP B 45 -0.26 17.23 -1.94
C TRP B 45 0.25 18.66 -2.00
N ASN B 46 1.07 19.05 -1.04
CA ASN B 46 1.70 20.37 -1.06
C ASN B 46 2.54 20.64 -2.29
N SER B 47 3.37 19.65 -2.66
CA SER B 47 4.27 19.80 -3.79
C SER B 47 3.47 19.94 -5.08
N TYR B 48 2.28 19.32 -5.08
CA TYR B 48 1.37 19.37 -6.19
C TYR B 48 0.66 20.73 -6.28
N GLN B 49 0.17 21.22 -5.14
CA GLN B 49 -0.51 22.50 -5.14
C GLN B 49 0.43 23.67 -5.49
N ALA B 50 1.74 23.50 -5.22
CA ALA B 50 2.74 24.52 -5.56
C ALA B 50 2.94 24.59 -7.05
N LYS B 51 3.16 23.41 -7.64
CA LYS B 51 3.27 23.29 -9.09
C LYS B 51 2.00 23.79 -9.78
N LYS B 52 0.85 23.63 -9.13
CA LYS B 52 -0.43 24.12 -9.65
C LYS B 52 -0.57 25.64 -9.56
N LYS B 53 -0.12 26.24 -8.45
CA LYS B 53 -0.05 27.69 -8.25
C LYS B 53 0.77 28.36 -9.38
N THR B 54 1.95 27.79 -9.64
CA THR B 54 2.77 28.16 -10.78
C THR B 54 2.00 28.03 -12.10
N MET B 55 1.29 26.93 -12.28
CA MET B 55 0.65 26.69 -13.58
C MET B 55 -0.56 27.61 -13.85
N ASP B 56 -1.41 27.82 -12.85
CA ASP B 56 -2.59 28.69 -13.00
C ASP B 56 -2.23 30.15 -13.24
N ALA B 57 -0.99 30.49 -12.94
CA ALA B 57 -0.45 31.84 -13.09
C ALA B 57 0.26 31.96 -14.42
N LYS B 58 0.53 30.81 -15.05
CA LYS B 58 1.25 30.74 -16.33
C LYS B 58 0.31 30.62 -17.53
N ASN B 59 -0.71 29.76 -17.45
CA ASN B 59 -1.50 29.41 -18.62
C ASN B 59 -2.80 30.19 -18.81
N GLY B 60 -2.83 31.42 -18.26
CA GLY B 60 -4.00 32.27 -18.31
C GLY B 60 -5.34 31.59 -18.01
N GLN B 61 -6.26 31.67 -18.96
CA GLN B 61 -7.62 31.18 -18.77
C GLN B 61 -7.74 29.64 -18.76
N THR B 62 -6.69 28.94 -19.16
CA THR B 62 -6.67 27.47 -19.21
C THR B 62 -7.06 26.82 -17.88
N MET B 63 -7.92 25.81 -17.97
CA MET B 63 -8.19 24.94 -16.84
C MET B 63 -7.06 23.92 -16.81
N ASN B 64 -6.13 24.09 -15.87
CA ASN B 64 -4.95 23.26 -15.88
C ASN B 64 -5.21 21.87 -15.36
N GLU B 65 -6.23 21.71 -14.51
CA GLU B 65 -6.44 20.45 -13.76
C GLU B 65 -7.53 19.55 -14.34
N LYS B 66 -7.22 18.25 -14.50
CA LYS B 66 -8.18 17.23 -14.91
C LYS B 66 -8.16 16.04 -13.94
N GLN B 67 -9.31 15.38 -13.75
CA GLN B 67 -9.32 14.15 -12.97
C GLN B 67 -9.37 12.93 -13.90
N LEU B 68 -8.28 12.16 -13.91
CA LEU B 68 -8.10 11.08 -14.86
C LEU B 68 -7.94 9.77 -14.11
N PHE B 69 -7.98 8.67 -14.86
CA PHE B 69 -7.86 7.38 -14.24
C PHE B 69 -6.48 6.79 -14.49
N HIS B 70 -6.05 5.92 -13.56
CA HIS B 70 -4.80 5.19 -13.71
C HIS B 70 -4.86 3.80 -13.04
N GLY B 71 -4.84 2.76 -13.86
CA GLY B 71 -4.78 1.40 -13.36
C GLY B 71 -3.36 0.95 -13.10
N THR B 72 -3.20 0.12 -12.07
CA THR B 72 -1.88 -0.40 -11.73
C THR B 72 -2.03 -1.72 -10.94
N ASP B 73 -0.94 -2.47 -10.82
CA ASP B 73 -0.96 -3.70 -10.01
C ASP B 73 -0.93 -3.38 -8.52
N ALA B 74 -1.46 -4.30 -7.71
CA ALA B 74 -1.47 -4.17 -6.25
C ALA B 74 -0.10 -3.84 -5.64
N GLY B 75 0.95 -4.39 -6.25
CA GLY B 75 2.30 -4.11 -5.82
C GLY B 75 2.68 -2.64 -5.83
N SER B 76 2.21 -1.91 -6.86
CA SER B 76 2.55 -0.51 -7.04
C SER B 76 1.85 0.43 -6.08
N VAL B 77 0.71 -0.01 -5.57
CA VAL B 77 -0.12 0.78 -4.67
C VAL B 77 0.64 1.44 -3.51
N PRO B 78 1.49 0.69 -2.78
CA PRO B 78 2.19 1.39 -1.70
C PRO B 78 3.19 2.43 -2.24
N HIS B 79 3.81 2.12 -3.36
CA HIS B 79 4.77 3.03 -3.99
C HIS B 79 4.10 4.33 -4.49
N VAL B 80 2.95 4.18 -5.13
CA VAL B 80 2.18 5.35 -5.61
C VAL B 80 1.66 6.18 -4.42
N ASN B 81 1.10 5.51 -3.42
CA ASN B 81 0.65 6.18 -2.20
C ASN B 81 1.69 7.11 -1.58
N ARG B 82 2.95 6.66 -1.58
CA ARG B 82 4.07 7.37 -0.96
C ARG B 82 4.73 8.42 -1.88
N ASN B 83 5.11 7.98 -3.07
CA ASN B 83 5.91 8.78 -3.96
C ASN B 83 5.13 9.53 -5.05
N GLY B 84 3.91 9.08 -5.34
CA GLY B 84 3.21 9.57 -6.51
C GLY B 84 3.64 8.83 -7.76
N PHE B 85 3.49 9.47 -8.92
CA PHE B 85 3.90 8.85 -10.16
C PHE B 85 5.22 9.44 -10.56
N ASN B 86 6.26 8.97 -9.87
CA ASN B 86 7.54 9.63 -9.84
C ASN B 86 8.66 8.81 -10.47
N ARG B 87 9.09 9.26 -11.64
CA ARG B 87 10.28 8.73 -12.33
C ARG B 87 10.25 7.20 -12.49
N SER B 88 10.47 6.47 -11.39
CA SER B 88 10.39 5.01 -11.35
C SER B 88 9.00 4.49 -11.71
N TYR B 89 8.50 4.82 -12.91
CA TYR B 89 7.11 4.65 -13.27
C TYR B 89 6.76 5.42 -14.56
N ALA B 96 3.46 4.75 -26.67
CA ALA B 96 4.15 5.37 -27.79
C ALA B 96 3.72 6.83 -27.98
N TYR B 97 3.62 7.56 -26.87
CA TYR B 97 3.36 8.97 -26.92
C TYR B 97 4.26 9.66 -25.88
N GLY B 98 5.37 9.02 -25.56
CA GLY B 98 6.36 9.58 -24.64
C GLY B 98 6.66 8.70 -23.42
N LYS B 99 7.82 8.91 -22.81
CA LYS B 99 8.23 8.15 -21.62
C LYS B 99 7.85 8.85 -20.31
N GLY B 100 6.58 8.75 -19.93
CA GLY B 100 6.08 9.33 -18.69
C GLY B 100 5.01 8.42 -18.12
N THR B 101 4.16 8.93 -17.25
CA THR B 101 3.06 8.14 -16.69
C THR B 101 1.78 8.40 -17.48
N TYR B 102 1.12 7.33 -17.91
CA TYR B 102 -0.09 7.46 -18.74
C TYR B 102 -1.34 7.61 -17.85
N PHE B 103 -2.26 8.47 -18.26
CA PHE B 103 -3.52 8.69 -17.53
C PHE B 103 -4.69 8.73 -18.51
N ALA B 104 -5.80 8.09 -18.14
CA ALA B 104 -6.95 7.91 -19.02
C ALA B 104 -8.15 8.79 -18.64
N VAL B 105 -8.75 9.43 -19.64
CA VAL B 105 -10.01 10.15 -19.51
C VAL B 105 -11.12 9.25 -18.97
N ASN B 106 -11.16 8.03 -19.49
CA ASN B 106 -12.21 7.08 -19.18
C ASN B 106 -11.71 5.89 -18.39
N ALA B 107 -12.41 5.55 -17.32
CA ALA B 107 -12.03 4.43 -16.49
C ALA B 107 -11.76 3.14 -17.26
N ASN B 108 -12.59 2.80 -18.24
CA ASN B 108 -12.46 1.50 -18.89
C ASN B 108 -11.10 1.22 -19.57
N TYR B 109 -10.42 2.28 -20.03
CA TYR B 109 -9.04 2.14 -20.47
C TYR B 109 -8.19 1.60 -19.32
N SER B 110 -8.19 2.31 -18.20
CA SER B 110 -7.47 1.87 -17.00
C SER B 110 -7.88 0.48 -16.48
N ALA B 111 -9.12 0.09 -16.76
CA ALA B 111 -9.64 -1.16 -16.26
C ALA B 111 -9.14 -2.37 -17.07
N ASN B 112 -8.46 -2.11 -18.18
CA ASN B 112 -7.77 -3.15 -18.95
C ASN B 112 -6.83 -3.98 -18.04
N ASP B 113 -6.96 -5.30 -18.07
CA ASP B 113 -6.15 -6.19 -17.19
C ASP B 113 -4.62 -6.01 -17.24
N THR B 114 -4.13 -5.33 -18.26
CA THR B 114 -2.69 -5.12 -18.42
C THR B 114 -2.19 -3.95 -17.56
N TYR B 115 -3.13 -3.11 -17.12
CA TYR B 115 -2.80 -1.96 -16.31
C TYR B 115 -3.24 -2.23 -14.88
N SER B 116 -4.56 -2.37 -14.69
CA SER B 116 -5.09 -2.75 -13.39
C SER B 116 -5.08 -4.28 -13.27
N ARG B 117 -3.87 -4.82 -13.15
CA ARG B 117 -3.65 -6.25 -13.18
C ARG B 117 -4.25 -6.95 -11.96
N PRO B 118 -5.13 -7.93 -12.21
CA PRO B 118 -5.82 -8.71 -11.17
C PRO B 118 -4.85 -9.39 -10.19
N ASP B 119 -5.02 -9.17 -8.89
CA ASP B 119 -4.16 -9.82 -7.91
C ASP B 119 -4.56 -11.28 -7.61
N ALA B 120 -3.99 -11.81 -6.54
CA ALA B 120 -4.31 -13.14 -6.04
C ALA B 120 -5.82 -13.34 -5.85
N ASN B 121 -6.47 -12.34 -5.27
CA ASN B 121 -7.88 -12.42 -4.95
C ASN B 121 -8.82 -11.89 -6.03
N GLY B 122 -8.28 -11.64 -7.23
CA GLY B 122 -9.07 -11.12 -8.34
C GLY B 122 -9.40 -9.64 -8.23
N ARG B 123 -8.70 -8.92 -7.35
CA ARG B 123 -8.97 -7.49 -7.16
C ARG B 123 -8.16 -6.56 -8.09
N LYS B 124 -8.86 -5.61 -8.72
CA LYS B 124 -8.21 -4.65 -9.62
C LYS B 124 -8.14 -3.28 -8.96
N HIS B 125 -7.09 -2.51 -9.27
CA HIS B 125 -6.91 -1.21 -8.65
C HIS B 125 -6.76 -0.05 -9.68
N VAL B 126 -7.61 0.97 -9.52
CA VAL B 126 -7.58 2.13 -10.38
C VAL B 126 -7.61 3.39 -9.55
N TYR B 127 -6.61 4.26 -9.74
CA TYR B 127 -6.58 5.56 -9.09
C TYR B 127 -7.48 6.55 -9.84
N TYR B 128 -8.06 7.47 -9.10
CA TYR B 128 -8.73 8.60 -9.68
C TYR B 128 -7.83 9.79 -9.32
N VAL B 129 -7.09 10.29 -10.31
CA VAL B 129 -5.94 11.15 -10.06
C VAL B 129 -6.15 12.60 -10.47
N ARG B 130 -5.71 13.55 -9.63
CA ARG B 130 -5.68 14.94 -10.07
C ARG B 130 -4.43 15.16 -10.90
N VAL B 131 -4.58 15.55 -12.16
CA VAL B 131 -3.43 15.69 -13.08
C VAL B 131 -3.34 17.09 -13.67
N LEU B 132 -2.15 17.68 -13.60
CA LEU B 132 -1.92 18.99 -14.20
C LEU B 132 -1.58 18.83 -15.68
N THR B 133 -2.63 18.65 -16.47
CA THR B 133 -2.48 18.54 -17.91
C THR B 133 -2.07 19.88 -18.55
N GLY B 134 -2.60 20.97 -18.02
CA GLY B 134 -2.27 22.30 -18.50
C GLY B 134 -2.41 22.51 -20.00
N ILE B 135 -1.33 22.93 -20.64
CA ILE B 135 -1.32 23.08 -22.09
C ILE B 135 -0.55 21.97 -22.78
N TYR B 136 -1.28 21.19 -23.59
CA TYR B 136 -0.76 19.94 -24.18
C TYR B 136 -0.73 19.92 -25.69
N THR B 137 0.12 19.07 -26.26
CA THR B 137 0.18 18.82 -27.70
C THR B 137 0.14 17.31 -28.02
N HIS B 138 0.15 16.96 -29.31
CA HIS B 138 0.27 15.56 -29.74
C HIS B 138 1.66 15.02 -29.39
N GLY B 139 1.71 13.80 -28.84
CA GLY B 139 2.96 13.22 -28.36
C GLY B 139 3.54 12.12 -29.23
N ASN B 140 4.82 11.79 -28.99
CA ASN B 140 5.54 10.79 -29.77
C ASN B 140 6.51 9.94 -28.94
N HIS B 141 6.82 8.73 -29.42
CA HIS B 141 7.53 7.72 -28.64
C HIS B 141 8.94 8.09 -28.14
N SER B 142 9.58 9.02 -28.85
CA SER B 142 10.93 9.40 -28.49
C SER B 142 10.89 10.71 -27.72
N LEU B 143 10.01 10.81 -26.73
CA LEU B 143 9.89 12.06 -25.99
C LEU B 143 10.81 12.17 -24.76
N ILE B 144 10.49 11.43 -23.68
CA ILE B 144 11.25 11.51 -22.42
C ILE B 144 10.97 12.81 -21.62
N VAL B 145 10.58 13.85 -22.34
CA VAL B 145 10.32 15.16 -21.77
C VAL B 145 9.40 15.85 -22.80
N PRO B 146 8.53 16.79 -22.36
CA PRO B 146 7.65 17.42 -23.36
C PRO B 146 8.36 18.18 -24.49
N PRO B 147 7.69 18.34 -25.64
CA PRO B 147 8.23 19.21 -26.70
C PRO B 147 8.29 20.67 -26.23
N SER B 148 9.11 21.47 -26.91
CA SER B 148 9.09 22.90 -26.68
C SER B 148 7.95 23.51 -27.49
N LYS B 149 7.28 24.52 -26.93
CA LYS B 149 6.12 25.12 -27.58
C LYS B 149 6.55 25.90 -28.83
N ASN B 150 7.79 26.40 -28.79
CA ASN B 150 8.39 27.16 -29.87
C ASN B 150 9.90 26.97 -29.93
N PRO B 151 10.45 26.69 -31.13
CA PRO B 151 11.90 26.57 -31.25
C PRO B 151 12.60 27.93 -31.31
N LEU B 157 7.89 25.29 -23.18
CA LEU B 157 7.72 23.85 -22.91
C LEU B 157 6.28 23.45 -22.51
N TYR B 158 5.68 22.49 -23.22
CA TYR B 158 4.30 22.02 -22.95
C TYR B 158 4.21 21.27 -21.61
N ASP B 159 3.03 21.26 -20.97
CA ASP B 159 2.85 20.60 -19.67
C ASP B 159 2.62 19.09 -19.73
N THR B 160 1.77 18.65 -20.65
CA THR B 160 1.58 17.22 -20.91
C THR B 160 1.51 16.96 -22.42
N VAL B 161 1.46 15.68 -22.82
CA VAL B 161 1.10 15.37 -24.20
C VAL B 161 -0.11 14.46 -24.18
N THR B 162 -0.75 14.30 -25.33
CA THR B 162 -1.94 13.47 -25.43
C THR B 162 -1.95 12.75 -26.77
N ASP B 163 -2.83 11.77 -26.92
CA ASP B 163 -2.97 11.04 -28.18
C ASP B 163 -3.66 11.88 -29.26
N ASN B 164 -4.68 12.64 -28.87
CA ASN B 164 -5.39 13.50 -29.82
C ASN B 164 -5.82 14.83 -29.20
N VAL B 165 -5.30 15.94 -29.74
CA VAL B 165 -5.41 17.25 -29.09
C VAL B 165 -6.85 17.82 -28.95
N HIS B 166 -7.75 17.51 -29.89
CA HIS B 166 -9.11 18.05 -29.81
C HIS B 166 -10.17 17.06 -29.31
N HIS B 167 -9.86 15.77 -29.33
CA HIS B 167 -10.65 14.79 -28.59
C HIS B 167 -9.73 13.78 -27.86
N PRO B 168 -9.09 14.21 -26.74
CA PRO B 168 -8.13 13.37 -26.02
C PRO B 168 -8.79 12.22 -25.31
N SER B 169 -8.17 11.04 -25.37
CA SER B 169 -8.60 9.90 -24.57
C SER B 169 -7.57 9.57 -23.47
N LEU B 170 -6.32 10.01 -23.67
CA LEU B 170 -5.29 9.84 -22.63
C LEU B 170 -4.36 11.03 -22.47
N PHE B 171 -3.54 11.00 -21.41
CA PHE B 171 -2.55 12.05 -21.18
C PHE B 171 -1.29 11.48 -20.58
N VAL B 172 -0.15 12.10 -20.88
CA VAL B 172 1.14 11.63 -20.42
C VAL B 172 1.87 12.74 -19.68
N ALA B 173 2.22 12.50 -18.42
CA ALA B 173 2.96 13.50 -17.65
C ALA B 173 4.41 13.03 -17.46
N PHE B 174 5.35 13.96 -17.45
CA PHE B 174 6.76 13.57 -17.40
C PHE B 174 7.46 14.00 -16.12
N TYR B 175 6.78 14.80 -15.31
CA TYR B 175 7.39 15.33 -14.09
C TYR B 175 6.69 14.86 -12.83
N ASP B 176 7.41 14.96 -11.73
CA ASP B 176 6.86 14.62 -10.44
C ASP B 176 5.96 15.76 -9.99
N TYR B 177 5.00 15.43 -9.13
CA TYR B 177 4.15 16.42 -8.49
C TYR B 177 3.16 16.99 -9.51
N GLN B 178 3.13 16.40 -10.69
CA GLN B 178 2.21 16.79 -11.73
C GLN B 178 0.87 16.06 -11.55
N ALA B 179 0.87 15.04 -10.70
CA ALA B 179 -0.38 14.33 -10.36
C ALA B 179 -0.46 13.86 -8.91
N TYR B 180 -1.66 13.93 -8.33
CA TYR B 180 -1.90 13.45 -6.99
C TYR B 180 -2.86 12.26 -6.96
N PRO B 181 -2.39 11.10 -6.48
CA PRO B 181 -3.20 9.87 -6.44
C PRO B 181 -4.33 9.99 -5.44
N GLU B 182 -5.26 10.93 -5.69
CA GLU B 182 -6.27 11.31 -4.71
C GLU B 182 -7.12 10.13 -4.22
N TYR B 183 -7.77 9.40 -5.12
CA TYR B 183 -8.57 8.25 -4.72
C TYR B 183 -8.10 6.94 -5.29
N LEU B 184 -8.31 5.87 -4.54
CA LEU B 184 -8.02 4.54 -5.03
C LEU B 184 -9.31 3.76 -5.09
N ILE B 185 -9.55 3.12 -6.24
CA ILE B 185 -10.75 2.33 -6.45
C ILE B 185 -10.33 0.88 -6.54
N THR B 186 -10.89 0.04 -5.67
CA THR B 186 -10.62 -1.39 -5.64
C THR B 186 -11.90 -2.11 -6.12
N PHE B 187 -11.78 -3.03 -7.08
CA PHE B 187 -12.97 -3.63 -7.69
C PHE B 187 -12.70 -5.03 -8.27
N ARG B 188 -13.73 -5.67 -8.83
CA ARG B 188 -13.55 -7.01 -9.44
C ARG B 188 -14.57 -7.24 -10.56
N LYS B 189 -14.43 -8.33 -11.32
CA LYS B 189 -15.33 -8.61 -12.44
C LYS B 189 -16.69 -9.14 -11.98
C01 XL2 C . 7.65 -17.66 7.76
C02 XL2 C . 7.87 -18.97 8.29
C03 XL2 C . 7.07 -20.05 7.83
C04 XL2 C . 6.06 -19.82 6.85
C05 XL2 C . 5.82 -18.52 6.31
C06 XL2 C . 6.64 -17.44 6.77
S07 XL2 C . 4.93 -20.84 6.08
C08 XL2 C . 4.15 -19.68 5.11
N09 XL2 C . 4.78 -18.47 5.36
C10 XL2 C . 6.43 -16.05 6.23
O11 XL2 C . 5.56 -15.86 5.43
N12 XL2 C . 7.23 -15.00 6.70
F13 XL2 C . 8.81 -19.22 9.21
N14 XL2 C . 3.06 -20.02 4.19
C15 XL2 C . 2.21 -19.08 3.59
C16 XL2 C . 0.80 -19.24 3.72
C17 XL2 C . -0.05 -18.32 3.12
C18 XL2 C . 0.48 -17.21 2.37
C19 XL2 C . 1.84 -17.08 2.25
C20 XL2 C . 2.74 -18.03 2.87
C21 XL2 C . -0.46 -16.22 1.72
C22 XL2 C . 0.36 -15.39 0.79
N23 XL2 C . -1.63 -16.84 1.12
C24 XL2 C . -2.06 -16.21 -0.09
C25 XL2 C . -2.80 -16.82 2.03
C01 XL2 D . -4.09 3.95 -19.31
C02 XL2 D . -3.91 4.18 -20.70
C03 XL2 D . -2.69 3.82 -21.33
C04 XL2 D . -1.63 3.23 -20.58
C05 XL2 D . -1.82 3.00 -19.17
C06 XL2 D . -3.04 3.36 -18.54
S07 XL2 D . -0.03 2.66 -20.95
C08 XL2 D . 0.40 2.15 -19.38
N09 XL2 D . -0.70 2.43 -18.56
C10 XL2 D . -3.29 3.16 -17.07
O11 XL2 D . -2.38 2.87 -16.34
N12 XL2 D . -4.58 3.31 -16.57
F13 XL2 D . -4.91 4.73 -21.41
N14 XL2 D . 1.64 1.55 -18.97
C15 XL2 D . 1.58 0.82 -17.79
C16 XL2 D . 1.18 1.48 -16.58
C17 XL2 D . 1.09 0.76 -15.39
C18 XL2 D . 1.41 -0.64 -15.35
C19 XL2 D . 1.78 -1.26 -16.53
C20 XL2 D . 1.87 -0.52 -17.78
C21 XL2 D . 1.32 -1.39 -14.03
C22 XL2 D . 0.70 -2.72 -14.30
N23 XL2 D . 2.57 -1.51 -13.31
C24 XL2 D . 3.29 -0.28 -13.14
C25 XL2 D . 3.47 -2.52 -13.91
#